data_3EIW
#
_entry.id   3EIW
#
_cell.length_a   44.703
_cell.length_b   43.571
_cell.length_c   75.712
_cell.angle_alpha   90.00
_cell.angle_beta   100.59
_cell.angle_gamma   90.00
#
_symmetry.space_group_name_H-M   'P 1 21 1'
#
loop_
_entity.id
_entity.type
_entity.pdbx_description
1 polymer 'HtsA protein'
2 non-polymer 'CHLORIDE ION'
3 water water
#
_entity_poly.entity_id   1
_entity_poly.type   'polypeptide(L)'
_entity_poly.pdbx_seq_one_letter_code
;GSHMASTISVKDENGTVKVPKDAKRIVVLEYSFADALAALDVKPVGIADDGKKKRIIKPVREKIGDYTSVGTRKQPNLEE
ISKLKPDLIIADSSRHKGINKELNKIAPTLSLKSFDGDYKQNINSFKTIAKALNKEKEGEKRLAEHDKLINKYKDEIKFD
RNQKVLPAVVAKAGLLAHPNYSYVGQFLNELGFKNALSDDVTKGLSKYLKGPYLQLDTEHLADLNPERMIIMTDHAKKDS
AEFKKLQEDATWKKLNAVKNNRVDIVDRDVWARSRGLISSEEMAKELVELSKKEQK
;
_entity_poly.pdbx_strand_id   A
#
loop_
_chem_comp.id
_chem_comp.type
_chem_comp.name
_chem_comp.formula
CL non-polymer 'CHLORIDE ION' 'Cl -1'
#
# COMPACT_ATOMS: atom_id res chain seq x y z
N ALA A 5 -11.35 27.27 20.37
CA ALA A 5 -10.75 26.21 19.52
C ALA A 5 -9.54 26.69 18.72
N SER A 6 -8.36 26.34 19.23
CA SER A 6 -7.13 26.56 18.49
C SER A 6 -7.04 25.46 17.44
N THR A 7 -6.42 25.80 16.31
CA THR A 7 -6.24 24.84 15.21
C THR A 7 -4.80 24.75 14.74
N ILE A 8 -4.51 23.68 14.03
CA ILE A 8 -3.26 23.54 13.30
C ILE A 8 -3.63 23.53 11.81
N SER A 9 -3.13 24.49 11.05
N SER A 9 -3.14 24.49 11.05
CA SER A 9 -3.35 24.51 9.60
CA SER A 9 -3.40 24.49 9.59
C SER A 9 -2.39 23.54 8.91
C SER A 9 -2.41 23.58 8.87
N VAL A 10 -2.94 22.61 8.12
CA VAL A 10 -2.10 21.76 7.30
C VAL A 10 -2.68 21.76 5.89
N LYS A 11 -1.84 21.37 4.95
CA LYS A 11 -2.23 21.22 3.57
C LYS A 11 -2.59 19.77 3.28
N ASP A 12 -3.71 19.58 2.63
CA ASP A 12 -4.06 18.23 2.12
C ASP A 12 -4.34 18.35 0.66
N GLU A 13 -4.97 17.32 0.07
CA GLU A 13 -5.11 17.32 -1.38
C GLU A 13 -6.18 18.30 -1.89
N ASN A 14 -6.94 18.90 -0.97
CA ASN A 14 -7.98 19.86 -1.35
C ASN A 14 -7.64 21.28 -0.95
N GLY A 15 -6.45 21.49 -0.39
CA GLY A 15 -6.07 22.84 0.08
C GLY A 15 -5.73 22.85 1.54
N THR A 16 -6.16 23.90 2.24
CA THR A 16 -5.92 24.01 3.68
C THR A 16 -7.01 23.30 4.45
N VAL A 17 -6.61 22.66 5.56
CA VAL A 17 -7.54 22.13 6.53
C VAL A 17 -7.09 22.61 7.89
N LYS A 18 -8.04 23.12 8.68
CA LYS A 18 -7.71 23.55 10.03
C LYS A 18 -8.10 22.44 10.98
N VAL A 19 -7.10 21.78 11.53
CA VAL A 19 -7.32 20.62 12.40
C VAL A 19 -7.35 21.07 13.86
N PRO A 20 -8.42 20.73 14.60
CA PRO A 20 -8.43 21.17 16.00
C PRO A 20 -7.22 20.61 16.76
N LYS A 21 -6.64 21.43 17.63
CA LYS A 21 -5.53 21.00 18.47
C LYS A 21 -5.96 19.93 19.49
N ASP A 22 -7.26 19.79 19.72
CA ASP A 22 -7.73 18.79 20.68
C ASP A 22 -8.17 17.50 20.00
N ALA A 23 -7.82 17.32 18.71
CA ALA A 23 -8.22 16.10 18.00
C ALA A 23 -7.56 14.83 18.55
N LYS A 24 -8.39 13.89 19.01
CA LYS A 24 -7.88 12.68 19.67
C LYS A 24 -8.55 11.43 19.14
N ARG A 25 -9.81 11.58 18.70
CA ARG A 25 -10.63 10.46 18.27
C ARG A 25 -10.80 10.54 16.77
N ILE A 26 -10.21 9.59 16.07
CA ILE A 26 -9.97 9.74 14.62
C ILE A 26 -10.52 8.53 13.89
N VAL A 27 -11.24 8.79 12.80
CA VAL A 27 -11.72 7.71 11.90
C VAL A 27 -10.85 7.71 10.66
N VAL A 28 -10.36 6.54 10.28
CA VAL A 28 -9.49 6.45 9.08
C VAL A 28 -10.09 5.54 8.04
N LEU A 29 -9.99 5.95 6.78
CA LEU A 29 -10.67 5.25 5.67
C LEU A 29 -9.73 4.54 4.69
N GLU A 30 -8.48 4.34 5.10
CA GLU A 30 -7.55 3.46 4.37
C GLU A 30 -6.60 2.80 5.34
N TYR A 31 -6.00 1.69 4.92
CA TYR A 31 -5.16 0.92 5.85
C TYR A 31 -3.88 1.66 6.22
N SER A 32 -3.29 2.34 5.24
CA SER A 32 -2.07 3.11 5.45
C SER A 32 -2.25 4.16 6.56
N PHE A 33 -3.44 4.75 6.62
CA PHE A 33 -3.70 5.77 7.64
C PHE A 33 -3.75 5.15 9.05
N ALA A 34 -4.27 3.91 9.14
CA ALA A 34 -4.28 3.21 10.43
C ALA A 34 -2.84 2.92 10.89
N ASP A 35 -1.99 2.53 9.93
CA ASP A 35 -0.54 2.34 10.23
C ASP A 35 0.07 3.65 10.72
N ALA A 36 -0.26 4.75 10.05
CA ALA A 36 0.29 6.07 10.40
C ALA A 36 -0.05 6.40 11.84
N LEU A 37 -1.33 6.25 12.19
CA LEU A 37 -1.75 6.53 13.59
C LEU A 37 -1.05 5.60 14.59
N ALA A 38 -0.98 4.31 14.30
CA ALA A 38 -0.35 3.37 15.22
C ALA A 38 1.12 3.75 15.43
N ALA A 39 1.75 4.20 14.35
CA ALA A 39 3.18 4.58 14.46
C ALA A 39 3.35 5.76 15.44
N LEU A 40 2.30 6.59 15.53
CA LEU A 40 2.25 7.82 16.34
C LEU A 40 1.59 7.58 17.71
N ASP A 41 1.39 6.32 18.08
CA ASP A 41 0.73 5.96 19.36
C ASP A 41 -0.67 6.51 19.49
N VAL A 42 -1.41 6.50 18.38
CA VAL A 42 -2.82 6.89 18.38
C VAL A 42 -3.66 5.69 17.92
N LYS A 43 -4.75 5.44 18.64
CA LYS A 43 -5.62 4.30 18.28
C LYS A 43 -6.84 4.89 17.59
N PRO A 44 -6.98 4.66 16.27
CA PRO A 44 -8.22 5.18 15.65
C PRO A 44 -9.46 4.58 16.27
N VAL A 45 -10.53 5.36 16.32
CA VAL A 45 -11.78 4.86 16.88
C VAL A 45 -12.65 4.14 15.84
N GLY A 46 -12.39 4.45 14.57
CA GLY A 46 -13.08 3.76 13.48
C GLY A 46 -12.12 3.56 12.31
N ILE A 47 -12.31 2.44 11.60
CA ILE A 47 -11.46 2.12 10.45
C ILE A 47 -12.35 1.48 9.38
N ALA A 48 -12.16 1.90 8.13
CA ALA A 48 -12.80 1.22 6.99
C ALA A 48 -11.93 -0.01 6.68
N ASP A 49 -12.30 -1.13 7.32
CA ASP A 49 -11.52 -2.36 7.22
C ASP A 49 -12.13 -3.40 6.27
N ASP A 50 -13.12 -2.99 5.48
CA ASP A 50 -13.75 -3.89 4.50
C ASP A 50 -14.39 -5.10 5.20
N GLY A 51 -14.69 -4.93 6.49
CA GLY A 51 -15.32 -5.99 7.26
C GLY A 51 -14.40 -7.18 7.50
N LYS A 52 -13.08 -6.96 7.33
CA LYS A 52 -12.11 -8.02 7.45
C LYS A 52 -10.98 -7.61 8.38
N LYS A 53 -11.08 -8.02 9.66
CA LYS A 53 -10.05 -7.65 10.64
C LYS A 53 -8.65 -7.96 10.15
N LYS A 54 -8.50 -9.05 9.40
CA LYS A 54 -7.18 -9.51 8.97
C LYS A 54 -6.53 -8.62 7.92
N ARG A 55 -7.33 -7.73 7.31
CA ARG A 55 -6.81 -6.75 6.35
C ARG A 55 -5.90 -5.71 7.02
N ILE A 56 -6.05 -5.51 8.34
CA ILE A 56 -5.13 -4.62 9.04
C ILE A 56 -3.94 -5.44 9.53
N ILE A 57 -2.75 -5.12 9.01
CA ILE A 57 -1.56 -5.96 9.18
C ILE A 57 -1.31 -6.23 10.66
N LYS A 58 -0.94 -7.48 10.97
CA LYS A 58 -0.88 -7.91 12.38
C LYS A 58 -0.25 -6.96 13.42
N PRO A 59 0.98 -6.45 13.18
CA PRO A 59 1.57 -5.61 14.26
C PRO A 59 0.78 -4.32 14.51
N VAL A 60 0.20 -3.79 13.43
CA VAL A 60 -0.64 -2.59 13.52
C VAL A 60 -1.95 -2.91 14.23
N ARG A 61 -2.61 -4.00 13.80
CA ARG A 61 -3.84 -4.51 14.39
C ARG A 61 -3.70 -4.71 15.90
N GLU A 62 -2.59 -5.31 16.31
CA GLU A 62 -2.39 -5.69 17.71
C GLU A 62 -2.09 -4.46 18.54
N LYS A 63 -1.41 -3.49 17.94
CA LYS A 63 -1.15 -2.24 18.66
C LYS A 63 -2.41 -1.41 18.89
N ILE A 64 -3.24 -1.30 17.84
CA ILE A 64 -4.46 -0.51 17.94
C ILE A 64 -5.46 -1.10 18.94
N GLY A 65 -5.61 -2.42 18.92
CA GLY A 65 -6.64 -3.06 19.75
C GLY A 65 -8.03 -2.83 19.18
N ASP A 66 -9.02 -2.79 20.07
N ASP A 66 -9.03 -2.83 20.06
CA ASP A 66 -10.42 -2.69 19.66
CA ASP A 66 -10.40 -2.69 19.61
C ASP A 66 -10.74 -1.37 18.96
C ASP A 66 -10.58 -1.39 18.83
N TYR A 67 -11.47 -1.45 17.84
CA TYR A 67 -11.95 -0.25 17.15
C TYR A 67 -13.30 -0.65 16.55
N THR A 68 -13.98 0.34 15.96
CA THR A 68 -15.28 0.11 15.32
C THR A 68 -15.10 0.12 13.80
N SER A 69 -15.61 -0.91 13.13
CA SER A 69 -15.53 -0.93 11.67
C SER A 69 -16.52 0.06 11.08
N VAL A 70 -16.08 0.84 10.09
CA VAL A 70 -17.01 1.72 9.35
C VAL A 70 -17.23 1.22 7.93
N GLY A 71 -16.96 -0.07 7.73
CA GLY A 71 -17.35 -0.72 6.47
C GLY A 71 -16.26 -0.72 5.42
N THR A 72 -16.65 -0.71 4.14
CA THR A 72 -15.65 -0.82 3.10
C THR A 72 -14.94 0.49 2.80
N ARG A 73 -13.74 0.36 2.24
CA ARG A 73 -13.02 1.49 1.75
C ARG A 73 -13.74 2.10 0.55
N LYS A 74 -14.32 1.26 -0.31
N LYS A 74 -14.34 1.27 -0.31
CA LYS A 74 -15.03 1.77 -1.49
CA LYS A 74 -15.01 1.81 -1.50
C LYS A 74 -16.20 2.65 -1.09
C LYS A 74 -16.24 2.63 -1.13
N GLN A 75 -16.98 2.20 -0.10
CA GLN A 75 -18.21 2.84 0.29
C GLN A 75 -18.39 2.84 1.82
N PRO A 76 -17.61 3.70 2.52
CA PRO A 76 -17.69 3.79 3.96
C PRO A 76 -19.10 4.10 4.42
N ASN A 77 -19.44 3.59 5.59
CA ASN A 77 -20.77 3.78 6.16
C ASN A 77 -20.78 5.11 6.94
N LEU A 78 -21.34 6.16 6.35
CA LEU A 78 -21.34 7.50 6.95
C LEU A 78 -22.20 7.57 8.21
N GLU A 79 -23.17 6.68 8.33
N GLU A 79 -23.20 6.71 8.29
CA GLU A 79 -23.97 6.59 9.57
CA GLU A 79 -24.05 6.65 9.50
C GLU A 79 -23.05 6.14 10.70
C GLU A 79 -23.22 6.23 10.69
N GLU A 80 -22.21 5.17 10.41
N GLU A 80 -22.35 5.24 10.46
CA GLU A 80 -21.29 4.64 11.43
CA GLU A 80 -21.44 4.80 11.55
C GLU A 80 -20.18 5.63 11.80
C GLU A 80 -20.38 5.84 11.85
N ILE A 81 -19.77 6.43 10.81
CA ILE A 81 -18.80 7.48 11.04
C ILE A 81 -19.44 8.59 11.89
N SER A 82 -20.67 8.98 11.53
N SER A 82 -20.67 8.99 11.52
CA SER A 82 -21.36 10.02 12.29
CA SER A 82 -21.41 10.00 12.29
C SER A 82 -21.67 9.59 13.74
C SER A 82 -21.58 9.56 13.74
N LYS A 83 -22.05 8.32 13.93
CA LYS A 83 -22.33 7.79 15.28
C LYS A 83 -21.10 7.85 16.19
N LEU A 84 -19.90 7.67 15.60
CA LEU A 84 -18.65 7.73 16.38
C LEU A 84 -18.28 9.13 16.85
N LYS A 85 -18.95 10.12 16.26
N LYS A 85 -18.90 10.16 16.27
CA LYS A 85 -18.74 11.57 16.55
CA LYS A 85 -18.66 11.55 16.73
C LYS A 85 -17.26 11.93 16.66
C LYS A 85 -17.15 11.88 16.75
N PRO A 86 -16.46 11.57 15.63
CA PRO A 86 -15.00 11.73 15.68
C PRO A 86 -14.57 13.20 15.68
N ASP A 87 -13.34 13.44 16.14
CA ASP A 87 -12.71 14.75 16.10
C ASP A 87 -12.15 15.07 14.71
N LEU A 88 -11.80 14.02 13.97
CA LEU A 88 -11.08 14.16 12.70
C LEU A 88 -11.36 12.91 11.87
N ILE A 89 -11.53 13.08 10.56
CA ILE A 89 -11.64 11.94 9.63
C ILE A 89 -10.46 12.03 8.66
N ILE A 90 -9.82 10.89 8.39
CA ILE A 90 -8.74 10.85 7.38
C ILE A 90 -9.21 9.99 6.22
N ALA A 91 -9.39 10.66 5.08
CA ALA A 91 -10.02 10.10 3.89
C ALA A 91 -9.03 10.00 2.74
N ASP A 92 -9.31 9.09 1.81
CA ASP A 92 -8.39 8.93 0.68
C ASP A 92 -8.75 9.88 -0.42
N SER A 93 -7.75 10.58 -0.94
CA SER A 93 -7.96 11.63 -1.96
C SER A 93 -8.43 11.12 -3.31
N SER A 94 -8.25 9.82 -3.56
CA SER A 94 -8.81 9.24 -4.77
C SER A 94 -10.17 8.58 -4.52
N ARG A 95 -10.27 7.77 -3.46
CA ARG A 95 -11.48 7.01 -3.21
C ARG A 95 -12.68 7.84 -2.78
N HIS A 96 -12.41 8.94 -2.09
CA HIS A 96 -13.46 9.54 -1.25
C HIS A 96 -13.84 10.95 -1.68
N LYS A 97 -13.55 11.29 -2.94
CA LYS A 97 -13.99 12.61 -3.43
C LYS A 97 -15.53 12.75 -3.36
N GLY A 98 -16.25 11.67 -3.68
CA GLY A 98 -17.72 11.71 -3.71
C GLY A 98 -18.32 12.01 -2.35
N ILE A 99 -17.74 11.43 -1.29
CA ILE A 99 -18.30 11.58 0.06
C ILE A 99 -17.71 12.76 0.83
N ASN A 100 -16.78 13.48 0.20
CA ASN A 100 -16.06 14.53 0.92
C ASN A 100 -17.00 15.57 1.54
N LYS A 101 -17.95 16.07 0.75
CA LYS A 101 -18.95 17.02 1.27
C LYS A 101 -19.66 16.47 2.55
N GLU A 102 -20.14 15.22 2.49
CA GLU A 102 -20.82 14.59 3.63
C GLU A 102 -19.86 14.40 4.81
N LEU A 103 -18.62 14.01 4.53
CA LEU A 103 -17.67 13.83 5.63
C LEU A 103 -17.41 15.13 6.36
N ASN A 104 -17.31 16.21 5.61
CA ASN A 104 -17.01 17.50 6.22
C ASN A 104 -18.13 17.97 7.14
N LYS A 105 -19.37 17.53 6.87
CA LYS A 105 -20.49 17.82 7.80
C LYS A 105 -20.30 17.15 9.17
N ILE A 106 -19.63 15.99 9.19
CA ILE A 106 -19.44 15.22 10.39
C ILE A 106 -18.28 15.74 11.23
N ALA A 107 -17.16 16.01 10.57
CA ALA A 107 -15.95 16.40 11.28
C ALA A 107 -14.93 16.96 10.31
N PRO A 108 -13.95 17.73 10.84
CA PRO A 108 -12.78 18.12 10.05
C PRO A 108 -12.24 16.90 9.34
N THR A 109 -12.03 17.02 8.02
CA THR A 109 -11.63 15.85 7.21
C THR A 109 -10.35 16.16 6.41
N LEU A 110 -9.33 15.31 6.58
CA LEU A 110 -8.11 15.39 5.76
C LEU A 110 -8.27 14.46 4.57
N SER A 111 -7.93 14.96 3.38
CA SER A 111 -7.97 14.16 2.16
C SER A 111 -6.52 13.94 1.68
N LEU A 112 -6.02 12.71 1.84
CA LEU A 112 -4.60 12.41 1.64
C LEU A 112 -4.42 11.22 0.69
N LYS A 113 -3.27 11.15 0.03
CA LYS A 113 -2.99 10.04 -0.89
C LYS A 113 -2.73 8.73 -0.16
N SER A 114 -3.30 7.66 -0.70
CA SER A 114 -2.94 6.31 -0.29
C SER A 114 -3.13 5.43 -1.53
N PHE A 115 -4.38 5.19 -1.88
CA PHE A 115 -4.76 4.31 -3.00
C PHE A 115 -4.07 4.68 -4.31
N ASP A 116 -4.02 5.97 -4.63
CA ASP A 116 -3.31 6.37 -5.85
C ASP A 116 -1.92 6.95 -5.57
N GLY A 117 -1.38 6.70 -4.38
CA GLY A 117 -0.07 7.24 -4.04
C GLY A 117 1.02 6.19 -4.19
N ASP A 118 2.20 6.63 -4.60
CA ASP A 118 3.37 5.75 -4.65
C ASP A 118 3.99 5.64 -3.25
N TYR A 119 5.19 5.06 -3.14
CA TYR A 119 5.82 4.85 -1.84
C TYR A 119 6.12 6.20 -1.17
N LYS A 120 6.74 7.11 -1.92
CA LYS A 120 7.09 8.42 -1.35
C LYS A 120 5.85 9.23 -0.98
N GLN A 121 4.82 9.13 -1.81
CA GLN A 121 3.55 9.85 -1.53
C GLN A 121 2.86 9.33 -0.26
N ASN A 122 2.93 8.03 -0.04
CA ASN A 122 2.36 7.46 1.19
C ASN A 122 3.14 7.92 2.43
N ILE A 123 4.48 7.98 2.29
N ILE A 123 4.47 8.03 2.31
CA ILE A 123 5.35 8.51 3.34
CA ILE A 123 5.25 8.58 3.42
C ILE A 123 4.90 9.93 3.64
C ILE A 123 4.93 10.08 3.57
N ASN A 124 4.68 10.72 2.59
N ASN A 124 4.62 10.76 2.46
CA ASN A 124 4.31 12.12 2.77
CA ASN A 124 4.24 12.17 2.58
C ASN A 124 2.98 12.24 3.53
C ASN A 124 2.93 12.36 3.35
N SER A 125 2.01 11.42 3.17
CA SER A 125 0.73 11.42 3.88
C SER A 125 0.98 11.19 5.37
N PHE A 126 1.90 10.28 5.67
CA PHE A 126 2.26 10.03 7.06
C PHE A 126 2.75 11.34 7.72
N LYS A 127 3.60 12.09 7.01
CA LYS A 127 4.13 13.36 7.53
C LYS A 127 3.00 14.35 7.78
N THR A 128 2.05 14.42 6.84
CA THR A 128 0.93 15.34 7.03
C THR A 128 0.11 14.95 8.26
N ILE A 129 -0.11 13.65 8.44
CA ILE A 129 -0.86 13.19 9.60
C ILE A 129 -0.11 13.58 10.88
N ALA A 130 1.20 13.31 10.91
CA ALA A 130 2.01 13.67 12.10
C ALA A 130 1.91 15.16 12.43
N LYS A 131 1.99 16.01 11.43
CA LYS A 131 1.89 17.46 11.64
C LYS A 131 0.50 17.85 12.15
N ALA A 132 -0.54 17.27 11.53
CA ALA A 132 -1.93 17.54 11.90
C ALA A 132 -2.20 17.25 13.36
N LEU A 133 -1.49 16.27 13.92
CA LEU A 133 -1.72 15.80 15.30
C LEU A 133 -0.71 16.35 16.29
N ASN A 134 0.05 17.36 15.89
CA ASN A 134 1.09 17.97 16.73
C ASN A 134 2.05 16.90 17.22
N LYS A 135 2.45 16.05 16.28
CA LYS A 135 3.40 14.98 16.53
C LYS A 135 4.50 14.99 15.49
N GLU A 136 4.88 16.18 15.06
CA GLU A 136 5.92 16.31 14.04
C GLU A 136 7.25 15.67 14.46
N LYS A 137 7.68 15.97 15.68
CA LYS A 137 8.94 15.41 16.18
C LYS A 137 8.89 13.88 16.24
N GLU A 138 7.78 13.34 16.76
CA GLU A 138 7.58 11.90 16.86
C GLU A 138 7.61 11.26 15.46
N GLY A 139 7.00 11.94 14.51
CA GLY A 139 7.00 11.46 13.12
C GLY A 139 8.39 11.45 12.48
N GLU A 140 9.20 12.48 12.76
CA GLU A 140 10.56 12.55 12.26
C GLU A 140 11.40 11.39 12.82
N LYS A 141 11.23 11.12 14.11
CA LYS A 141 11.98 10.06 14.76
C LYS A 141 11.56 8.71 14.16
N ARG A 142 10.26 8.52 14.02
CA ARG A 142 9.76 7.25 13.46
C ARG A 142 10.27 7.06 12.05
N LEU A 143 10.26 8.11 11.26
CA LEU A 143 10.69 8.00 9.86
C LEU A 143 12.18 7.77 9.74
N ALA A 144 12.96 8.36 10.64
CA ALA A 144 14.39 8.09 10.64
C ALA A 144 14.64 6.61 10.98
N GLU A 145 13.92 6.09 11.96
CA GLU A 145 14.00 4.66 12.29
C GLU A 145 13.63 3.78 11.08
N HIS A 146 12.51 4.14 10.45
CA HIS A 146 12.01 3.40 9.29
C HIS A 146 13.06 3.35 8.19
N ASP A 147 13.60 4.53 7.85
CA ASP A 147 14.58 4.60 6.75
C ASP A 147 15.87 3.82 7.07
N LYS A 148 16.29 3.87 8.34
CA LYS A 148 17.46 3.12 8.74
C LYS A 148 17.20 1.63 8.58
N LEU A 149 16.03 1.18 9.01
CA LEU A 149 15.66 -0.26 8.87
C LEU A 149 15.53 -0.68 7.39
N ILE A 150 14.86 0.10 6.58
CA ILE A 150 14.78 -0.22 5.16
C ILE A 150 16.17 -0.34 4.52
N ASN A 151 17.09 0.55 4.90
CA ASN A 151 18.40 0.51 4.26
C ASN A 151 19.21 -0.70 4.76
N LYS A 152 19.02 -1.06 6.01
CA LYS A 152 19.62 -2.27 6.56
C LYS A 152 19.10 -3.50 5.80
N TYR A 153 17.78 -3.59 5.56
CA TYR A 153 17.25 -4.72 4.79
C TYR A 153 17.78 -4.67 3.36
N LYS A 154 17.88 -3.47 2.77
CA LYS A 154 18.40 -3.34 1.40
C LYS A 154 19.77 -4.03 1.29
N ASP A 155 20.62 -3.72 2.25
CA ASP A 155 21.97 -4.27 2.28
C ASP A 155 22.00 -5.79 2.51
N GLU A 156 20.96 -6.32 3.15
CA GLU A 156 20.87 -7.77 3.45
C GLU A 156 20.17 -8.58 2.35
N ILE A 157 19.54 -7.93 1.38
CA ILE A 157 18.88 -8.66 0.29
C ILE A 157 19.97 -9.14 -0.70
N LYS A 158 20.13 -10.46 -0.80
CA LYS A 158 21.26 -11.03 -1.54
C LYS A 158 21.03 -11.08 -3.06
N PHE A 159 19.78 -10.87 -3.49
CA PHE A 159 19.48 -10.98 -4.92
C PHE A 159 20.33 -10.06 -5.79
N ASP A 160 20.75 -10.58 -6.94
CA ASP A 160 21.49 -9.80 -7.93
C ASP A 160 20.57 -8.76 -8.51
N ARG A 161 20.88 -7.49 -8.27
CA ARG A 161 20.01 -6.41 -8.77
C ARG A 161 20.00 -6.27 -10.30
N ASN A 162 20.90 -6.96 -11.00
CA ASN A 162 20.80 -6.98 -12.48
C ASN A 162 19.72 -7.91 -13.01
N GLN A 163 19.11 -8.70 -12.12
CA GLN A 163 17.96 -9.51 -12.53
C GLN A 163 16.74 -8.61 -12.45
N LYS A 164 16.23 -8.17 -13.60
CA LYS A 164 15.12 -7.21 -13.59
C LYS A 164 13.83 -7.86 -13.07
N VAL A 165 13.04 -7.07 -12.34
CA VAL A 165 11.89 -7.60 -11.63
C VAL A 165 10.53 -7.08 -12.16
N LEU A 166 9.57 -7.99 -12.25
CA LEU A 166 8.18 -7.65 -12.59
C LEU A 166 7.27 -7.94 -11.38
N PRO A 167 6.74 -6.90 -10.72
CA PRO A 167 5.72 -7.06 -9.68
C PRO A 167 4.34 -7.04 -10.32
N ALA A 168 3.44 -7.92 -9.90
CA ALA A 168 2.13 -8.00 -10.59
C ALA A 168 1.14 -8.71 -9.71
N VAL A 169 -0.14 -8.54 -10.02
CA VAL A 169 -1.21 -9.40 -9.49
C VAL A 169 -1.75 -10.28 -10.63
N VAL A 170 -2.58 -11.28 -10.30
CA VAL A 170 -3.09 -12.19 -11.33
C VAL A 170 -4.45 -11.68 -11.83
N ALA A 171 -4.63 -11.62 -13.15
CA ALA A 171 -5.89 -11.13 -13.70
C ALA A 171 -6.07 -11.59 -15.14
N LYS A 172 -7.27 -12.07 -15.42
CA LYS A 172 -7.73 -12.40 -16.77
C LYS A 172 -6.69 -13.14 -17.62
N ALA A 173 -6.38 -14.36 -17.19
CA ALA A 173 -5.43 -15.26 -17.87
C ALA A 173 -4.01 -14.71 -18.10
N GLY A 174 -3.72 -13.54 -17.54
CA GLY A 174 -2.35 -13.00 -17.59
C GLY A 174 -1.97 -12.38 -16.27
N LEU A 175 -1.05 -11.43 -16.32
CA LEU A 175 -0.65 -10.71 -15.11
C LEU A 175 -1.02 -9.25 -15.25
N LEU A 176 -1.56 -8.66 -14.19
CA LEU A 176 -1.81 -7.23 -14.17
C LEU A 176 -0.64 -6.57 -13.43
N ALA A 177 0.27 -5.98 -14.21
CA ALA A 177 1.61 -5.60 -13.72
C ALA A 177 1.58 -4.23 -13.09
N HIS A 178 2.37 -4.07 -12.02
CA HIS A 178 2.49 -2.77 -11.36
C HIS A 178 3.73 -2.09 -11.93
N PRO A 179 3.55 -0.97 -12.66
CA PRO A 179 4.72 -0.39 -13.35
C PRO A 179 5.72 0.32 -12.45
N ASN A 180 6.76 0.91 -13.02
CA ASN A 180 7.83 1.39 -12.17
C ASN A 180 7.45 2.58 -11.27
N TYR A 181 6.33 3.25 -11.59
CA TYR A 181 5.87 4.43 -10.85
C TYR A 181 4.77 4.08 -9.84
N SER A 182 4.40 2.80 -9.77
CA SER A 182 3.43 2.34 -8.77
C SER A 182 4.06 2.33 -7.36
N TYR A 183 3.22 2.14 -6.33
CA TYR A 183 3.75 2.00 -4.98
C TYR A 183 4.81 0.87 -4.90
N VAL A 184 4.44 -0.30 -5.42
N VAL A 184 4.45 -0.32 -5.38
CA VAL A 184 5.33 -1.46 -5.33
CA VAL A 184 5.40 -1.44 -5.27
C VAL A 184 6.57 -1.28 -6.20
C VAL A 184 6.61 -1.23 -6.19
N GLY A 185 6.38 -0.76 -7.42
CA GLY A 185 7.48 -0.51 -8.34
C GLY A 185 8.48 0.47 -7.69
N GLN A 186 7.96 1.54 -7.11
CA GLN A 186 8.86 2.54 -6.55
C GLN A 186 9.59 1.99 -5.31
N PHE A 187 8.87 1.27 -4.46
CA PHE A 187 9.53 0.62 -3.33
C PHE A 187 10.67 -0.34 -3.76
N LEU A 188 10.42 -1.15 -4.79
CA LEU A 188 11.47 -2.04 -5.29
C LEU A 188 12.68 -1.21 -5.78
N ASN A 189 12.41 -0.08 -6.46
CA ASN A 189 13.49 0.81 -6.86
C ASN A 189 14.27 1.36 -5.64
N GLU A 190 13.53 1.69 -4.56
CA GLU A 190 14.19 2.13 -3.32
C GLU A 190 15.14 1.08 -2.78
N LEU A 191 14.79 -0.19 -2.99
CA LEU A 191 15.63 -1.29 -2.54
C LEU A 191 16.74 -1.66 -3.56
N GLY A 192 16.89 -0.85 -4.60
CA GLY A 192 17.97 -1.04 -5.58
C GLY A 192 17.66 -2.01 -6.72
N PHE A 193 16.41 -2.47 -6.81
CA PHE A 193 15.98 -3.31 -7.95
C PHE A 193 15.76 -2.47 -9.21
N LYS A 194 15.86 -3.14 -10.36
CA LYS A 194 15.55 -2.53 -11.64
C LYS A 194 14.24 -3.14 -12.12
N ASN A 195 13.20 -2.34 -12.22
CA ASN A 195 11.94 -2.78 -12.76
C ASN A 195 12.08 -3.15 -14.23
N ALA A 196 11.59 -4.35 -14.59
CA ALA A 196 11.58 -4.78 -16.01
C ALA A 196 10.79 -3.80 -16.88
N LEU A 197 9.74 -3.24 -16.31
CA LEU A 197 8.93 -2.25 -17.00
C LEU A 197 9.61 -0.89 -16.88
N SER A 198 10.62 -0.69 -17.71
CA SER A 198 11.26 0.63 -17.84
C SER A 198 10.24 1.60 -18.45
N ASP A 199 10.56 2.89 -18.45
CA ASP A 199 9.69 3.86 -19.10
C ASP A 199 9.45 3.54 -20.59
N ASP A 200 10.50 3.16 -21.31
CA ASP A 200 10.37 2.83 -22.72
C ASP A 200 9.51 1.58 -22.95
N VAL A 201 9.75 0.56 -22.13
CA VAL A 201 8.96 -0.66 -22.21
C VAL A 201 7.47 -0.38 -21.98
N THR A 202 7.17 0.36 -20.92
CA THR A 202 5.78 0.67 -20.59
C THR A 202 5.12 1.52 -21.70
N LYS A 203 5.89 2.45 -22.26
CA LYS A 203 5.39 3.26 -23.39
C LYS A 203 4.94 2.33 -24.52
N GLY A 204 5.77 1.33 -24.79
CA GLY A 204 5.51 0.37 -25.88
C GLY A 204 4.44 -0.66 -25.57
N LEU A 205 3.91 -0.64 -24.34
CA LEU A 205 2.85 -1.56 -23.89
C LEU A 205 1.55 -0.82 -23.48
N SER A 206 1.55 0.49 -23.66
CA SER A 206 0.49 1.34 -23.12
C SER A 206 -0.93 1.05 -23.63
N LYS A 207 -1.07 0.55 -24.85
CA LYS A 207 -2.40 0.11 -25.30
C LYS A 207 -3.01 -0.97 -24.39
N TYR A 208 -2.19 -1.57 -23.51
CA TYR A 208 -2.64 -2.56 -22.54
C TYR A 208 -2.90 -2.01 -21.15
N LEU A 209 -2.79 -0.69 -20.98
CA LEU A 209 -3.10 -0.12 -19.67
C LEU A 209 -4.55 -0.33 -19.26
N LYS A 210 -4.74 -0.64 -17.99
CA LYS A 210 -6.04 -0.65 -17.36
C LYS A 210 -5.84 0.22 -16.14
N GLY A 211 -6.12 1.51 -16.30
CA GLY A 211 -5.86 2.51 -15.27
C GLY A 211 -4.38 2.55 -14.94
N PRO A 212 -4.05 2.29 -13.66
CA PRO A 212 -2.67 2.43 -13.21
C PRO A 212 -1.78 1.22 -13.55
N TYR A 213 -2.35 0.15 -14.10
CA TYR A 213 -1.64 -1.12 -14.24
C TYR A 213 -1.64 -1.59 -15.68
N LEU A 214 -0.73 -2.51 -15.99
CA LEU A 214 -0.51 -2.94 -17.37
C LEU A 214 -0.88 -4.41 -17.50
N GLN A 215 -1.89 -4.71 -18.33
CA GLN A 215 -2.31 -6.10 -18.52
C GLN A 215 -1.35 -6.78 -19.47
N LEU A 216 -0.70 -7.85 -19.00
CA LEU A 216 0.26 -8.58 -19.82
C LEU A 216 -0.23 -10.00 -20.02
N ASP A 217 -0.54 -10.36 -21.27
CA ASP A 217 -0.84 -11.74 -21.59
C ASP A 217 0.46 -12.53 -21.70
N THR A 218 0.37 -13.84 -21.87
CA THR A 218 1.58 -14.66 -21.92
C THR A 218 2.50 -14.31 -23.09
N GLU A 219 1.92 -13.90 -24.22
CA GLU A 219 2.72 -13.44 -25.36
C GLU A 219 3.63 -12.27 -24.96
N HIS A 220 3.04 -11.29 -24.28
CA HIS A 220 3.78 -10.11 -23.93
C HIS A 220 4.68 -10.34 -22.72
N LEU A 221 4.27 -11.24 -21.83
CA LEU A 221 5.20 -11.67 -20.78
C LEU A 221 6.46 -12.34 -21.36
N ALA A 222 6.25 -13.16 -22.38
CA ALA A 222 7.34 -13.86 -23.04
C ALA A 222 8.27 -12.87 -23.70
N ASP A 223 7.72 -11.82 -24.29
CA ASP A 223 8.55 -10.82 -24.91
C ASP A 223 9.40 -10.03 -23.89
N LEU A 224 8.78 -9.70 -22.76
CA LEU A 224 9.41 -8.94 -21.69
C LEU A 224 10.46 -9.84 -21.04
N ASN A 225 10.03 -11.05 -20.71
CA ASN A 225 10.89 -12.10 -20.16
C ASN A 225 11.76 -11.59 -19.02
N PRO A 226 11.11 -11.07 -17.96
CA PRO A 226 11.88 -10.52 -16.82
C PRO A 226 12.61 -11.66 -16.07
N GLU A 227 13.79 -11.35 -15.54
CA GLU A 227 14.55 -12.36 -14.81
C GLU A 227 13.88 -12.78 -13.50
N ARG A 228 13.03 -11.90 -12.94
CA ARG A 228 12.42 -12.15 -11.64
C ARG A 228 10.97 -11.67 -11.65
N MET A 229 10.08 -12.41 -10.98
CA MET A 229 8.71 -11.94 -10.79
C MET A 229 8.32 -12.04 -9.34
N ILE A 230 7.55 -11.05 -8.89
CA ILE A 230 6.95 -11.05 -7.56
C ILE A 230 5.46 -10.94 -7.78
N ILE A 231 4.74 -12.00 -7.46
CA ILE A 231 3.30 -12.07 -7.75
C ILE A 231 2.55 -11.97 -6.44
N MET A 232 1.73 -10.94 -6.35
CA MET A 232 1.02 -10.64 -5.10
C MET A 232 -0.39 -11.25 -5.15
N THR A 233 -0.68 -12.18 -4.23
CA THR A 233 -1.98 -12.83 -4.21
C THR A 233 -2.59 -12.84 -2.83
N ASP A 234 -3.91 -12.95 -2.76
CA ASP A 234 -4.58 -13.05 -1.46
C ASP A 234 -4.03 -14.27 -0.72
N HIS A 235 -3.62 -14.05 0.53
CA HIS A 235 -3.05 -15.12 1.40
C HIS A 235 -1.78 -15.77 0.91
N ALA A 236 -1.16 -15.14 -0.09
CA ALA A 236 0.05 -15.69 -0.69
C ALA A 236 -0.17 -17.12 -1.18
N LYS A 237 -1.37 -17.36 -1.73
CA LYS A 237 -1.71 -18.67 -2.32
C LYS A 237 -1.39 -18.68 -3.82
N LYS A 238 -1.03 -19.85 -4.33
CA LYS A 238 -0.67 -19.94 -5.74
C LYS A 238 -1.49 -20.99 -6.47
N ASP A 239 -2.59 -21.39 -5.82
CA ASP A 239 -3.46 -22.44 -6.36
C ASP A 239 -4.84 -21.93 -6.79
N SER A 240 -4.99 -20.62 -6.98
CA SER A 240 -6.25 -20.12 -7.51
C SER A 240 -6.48 -20.68 -8.91
N ALA A 241 -7.74 -20.82 -9.31
CA ALA A 241 -8.09 -21.25 -10.66
C ALA A 241 -7.42 -20.43 -11.78
N GLU A 242 -7.45 -19.10 -11.66
CA GLU A 242 -6.84 -18.20 -12.67
C GLU A 242 -5.35 -18.44 -12.78
N PHE A 243 -4.69 -18.48 -11.63
CA PHE A 243 -3.24 -18.60 -11.60
C PHE A 243 -2.80 -19.99 -12.08
N LYS A 244 -3.57 -21.02 -11.73
CA LYS A 244 -3.26 -22.35 -12.25
C LYS A 244 -3.34 -22.46 -13.79
N LYS A 245 -4.34 -21.85 -14.41
CA LYS A 245 -4.44 -21.88 -15.89
C LYS A 245 -3.23 -21.17 -16.48
N LEU A 246 -2.81 -20.09 -15.83
CA LEU A 246 -1.63 -19.37 -16.23
C LEU A 246 -0.36 -20.23 -16.09
N GLN A 247 -0.20 -20.88 -14.94
CA GLN A 247 0.99 -21.69 -14.65
C GLN A 247 1.06 -22.95 -15.54
N GLU A 248 -0.07 -23.33 -16.12
CA GLU A 248 -0.15 -24.47 -17.05
C GLU A 248 0.15 -24.10 -18.52
N ASP A 249 0.19 -22.80 -18.81
CA ASP A 249 0.44 -22.24 -20.16
C ASP A 249 1.86 -22.56 -20.69
N ALA A 250 1.96 -22.89 -21.98
CA ALA A 250 3.22 -23.32 -22.61
C ALA A 250 4.27 -22.20 -22.68
N THR A 251 3.80 -20.98 -22.92
CA THR A 251 4.67 -19.81 -22.96
C THR A 251 5.16 -19.50 -21.53
N TRP A 252 4.28 -19.61 -20.53
CA TRP A 252 4.68 -19.43 -19.12
C TRP A 252 5.88 -20.31 -18.74
N LYS A 253 5.82 -21.59 -19.13
CA LYS A 253 6.83 -22.57 -18.74
C LYS A 253 8.22 -22.26 -19.32
N LYS A 254 8.25 -21.49 -20.41
CA LYS A 254 9.49 -21.14 -21.09
C LYS A 254 10.11 -19.84 -20.56
N LEU A 255 9.40 -19.16 -19.66
CA LEU A 255 9.87 -17.88 -19.14
C LEU A 255 11.12 -18.06 -18.31
N ASN A 256 12.05 -17.11 -18.46
CA ASN A 256 13.32 -17.15 -17.72
C ASN A 256 13.09 -17.19 -16.20
N ALA A 257 12.15 -16.38 -15.73
CA ALA A 257 11.91 -16.38 -14.26
C ALA A 257 11.35 -17.68 -13.75
N VAL A 258 10.50 -18.34 -14.54
CA VAL A 258 9.90 -19.62 -14.15
C VAL A 258 10.93 -20.74 -14.18
N LYS A 259 11.65 -20.87 -15.30
CA LYS A 259 12.68 -21.95 -15.44
C LYS A 259 13.73 -21.92 -14.35
N ASN A 260 14.05 -20.71 -13.88
CA ASN A 260 15.17 -20.47 -12.96
C ASN A 260 14.78 -20.18 -11.53
N ASN A 261 13.53 -20.49 -11.18
CA ASN A 261 13.06 -20.44 -9.80
C ASN A 261 13.16 -19.03 -9.21
N ARG A 262 12.77 -18.05 -10.03
CA ARG A 262 12.80 -16.64 -9.63
C ARG A 262 11.39 -15.99 -9.68
N VAL A 263 10.39 -16.79 -9.34
CA VAL A 263 9.00 -16.35 -9.20
C VAL A 263 8.63 -16.58 -7.75
N ASP A 264 8.29 -15.51 -7.04
CA ASP A 264 7.88 -15.66 -5.66
C ASP A 264 6.48 -15.10 -5.50
N ILE A 265 5.63 -15.86 -4.81
CA ILE A 265 4.24 -15.48 -4.58
C ILE A 265 4.19 -14.93 -3.15
N VAL A 266 3.76 -13.68 -3.02
CA VAL A 266 3.76 -12.97 -1.75
C VAL A 266 2.35 -12.48 -1.38
N ASP A 267 2.18 -12.05 -0.14
CA ASP A 267 0.86 -11.69 0.37
C ASP A 267 0.39 -10.32 -0.13
N ARG A 268 -0.73 -10.32 -0.84
CA ARG A 268 -1.28 -9.09 -1.45
C ARG A 268 -1.71 -8.06 -0.42
N ASP A 269 -2.16 -8.51 0.76
CA ASP A 269 -2.57 -7.53 1.78
C ASP A 269 -1.35 -6.75 2.28
N VAL A 270 -0.24 -7.44 2.48
CA VAL A 270 0.96 -6.81 2.96
C VAL A 270 1.58 -5.95 1.87
N TRP A 271 1.71 -6.52 0.67
CA TRP A 271 2.46 -5.87 -0.37
C TRP A 271 1.71 -4.78 -1.13
N ALA A 272 0.43 -5.02 -1.41
CA ALA A 272 -0.33 -4.08 -2.26
C ALA A 272 -1.27 -3.18 -1.49
N ARG A 273 -1.95 -3.70 -0.48
CA ARG A 273 -3.05 -2.95 0.16
C ARG A 273 -2.59 -2.10 1.34
N SER A 274 -1.57 -2.55 2.08
CA SER A 274 -1.30 -1.92 3.39
C SER A 274 -0.64 -0.55 3.24
N ARG A 275 0.43 -0.48 2.44
CA ARG A 275 1.10 0.79 2.14
C ARG A 275 1.52 1.60 3.37
N GLY A 276 1.93 0.89 4.43
CA GLY A 276 2.41 1.56 5.66
C GLY A 276 3.89 1.40 5.93
N LEU A 277 4.31 1.92 7.08
CA LEU A 277 5.68 1.80 7.48
C LEU A 277 5.94 0.35 7.87
N ILE A 278 5.04 -0.24 8.67
CA ILE A 278 5.25 -1.64 9.10
C ILE A 278 5.23 -2.60 7.89
N SER A 279 4.26 -2.40 6.99
CA SER A 279 4.13 -3.32 5.85
C SER A 279 5.34 -3.24 4.92
N SER A 280 5.83 -2.03 4.61
CA SER A 280 7.01 -1.93 3.76
C SER A 280 8.25 -2.57 4.45
N GLU A 281 8.32 -2.44 5.79
CA GLU A 281 9.40 -3.09 6.54
C GLU A 281 9.27 -4.61 6.36
N GLU A 282 8.04 -5.10 6.42
N GLU A 282 8.03 -5.11 6.45
CA GLU A 282 7.81 -6.55 6.28
CA GLU A 282 7.80 -6.56 6.28
C GLU A 282 8.08 -7.06 4.86
C GLU A 282 8.21 -6.99 4.88
N MET A 283 7.82 -6.21 3.87
CA MET A 283 8.11 -6.55 2.46
C MET A 283 9.61 -6.71 2.24
N ALA A 284 10.37 -5.77 2.80
CA ALA A 284 11.83 -5.79 2.70
C ALA A 284 12.41 -6.99 3.45
N LYS A 285 11.92 -7.24 4.65
CA LYS A 285 12.35 -8.38 5.42
C LYS A 285 12.09 -9.69 4.67
N GLU A 286 10.94 -9.78 4.03
CA GLU A 286 10.60 -10.99 3.28
C GLU A 286 11.58 -11.19 2.13
N LEU A 287 11.93 -10.11 1.42
CA LEU A 287 12.91 -10.23 0.34
C LEU A 287 14.25 -10.74 0.90
N VAL A 288 14.65 -10.26 2.07
CA VAL A 288 15.92 -10.75 2.66
C VAL A 288 15.84 -12.27 2.83
N GLU A 289 14.76 -12.70 3.46
CA GLU A 289 14.57 -14.15 3.71
C GLU A 289 14.59 -14.95 2.43
N LEU A 290 13.80 -14.51 1.45
CA LEU A 290 13.77 -15.22 0.16
C LEU A 290 15.16 -15.34 -0.46
N SER A 291 15.93 -14.27 -0.33
CA SER A 291 17.25 -14.17 -0.99
C SER A 291 18.28 -15.09 -0.32
N LYS A 292 17.98 -15.48 0.92
CA LYS A 292 18.88 -16.31 1.74
C LYS A 292 18.52 -17.78 1.73
N LYS A 293 17.42 -18.13 1.05
CA LYS A 293 17.06 -19.54 0.93
C LYS A 293 18.12 -20.31 0.17
N GLU A 294 18.24 -21.60 0.48
CA GLU A 294 19.13 -22.51 -0.25
C GLU A 294 19.13 -22.19 -1.74
N GLN A 295 20.27 -21.68 -2.21
CA GLN A 295 20.44 -21.23 -3.58
C GLN A 295 19.84 -22.27 -4.53
N LYS A 296 20.33 -23.51 -4.43
CA LYS A 296 19.77 -24.64 -5.18
C LYS A 296 19.73 -24.37 -6.69
CL CL B . -5.89 -1.24 -2.09
#